data_7XYX
#
_entry.id   7XYX
#
_cell.length_a   52.777
_cell.length_b   97.369
_cell.length_c   122.888
_cell.angle_alpha   90.000
_cell.angle_beta   90.000
_cell.angle_gamma   90.000
#
_symmetry.space_group_name_H-M   'P 21 21 21'
#
loop_
_entity.id
_entity.type
_entity.pdbx_description
1 polymer 'Protein zyg-11 homolog B'
2 water water
#
_entity_poly.entity_id   1
_entity_poly.type   'polypeptide(L)'
_entity_poly.pdbx_seq_one_letter_code
;CFLHVGAQLGTELFIVRQLLQIVKQKTNQNSVDTTLKFTLSALWNLTDESPTTCRHFIENQGLELFMRVLESFPTESSIQ
QKVLGLLNNIAEVQELHSELMWKDFIDHISSLLHSVEVEVSYFAAGIIAHLISRGEQAWTLSRSQRNSLLDDLHSAILKW
PTPECEMVAYRSFNPFFPLLGCFTTPGVQLWAVWAMQHVCSKNPSRYCSMLIEEGGLQHLYNIKDHEHTDPHVQQIAVAI
LDSLEKHIVR
;
_entity_poly.pdbx_strand_id   B,A
#
# COMPACT_ATOMS: atom_id res chain seq x y z
N CYS A 1 5.58 -14.55 1.34
CA CYS A 1 4.41 -15.39 1.46
C CYS A 1 3.14 -14.56 1.40
N PHE A 2 2.19 -15.02 0.59
CA PHE A 2 0.84 -14.45 0.48
C PHE A 2 -0.06 -15.49 -0.19
N LEU A 3 -1.30 -15.09 -0.46
CA LEU A 3 -2.25 -16.05 -1.04
C LEU A 3 -2.11 -16.15 -2.57
N VAL A 5 -1.82 -16.11 -5.83
CA VAL A 5 -1.06 -15.25 -6.79
C VAL A 5 -1.98 -14.12 -7.27
N GLY A 6 -1.42 -12.91 -7.42
CA GLY A 6 -2.22 -11.75 -7.86
C GLY A 6 -3.46 -11.58 -7.01
N ALA A 7 -3.29 -11.45 -5.70
CA ALA A 7 -4.43 -11.30 -4.77
C ALA A 7 -4.29 -9.96 -4.03
N GLN A 8 -3.40 -9.10 -4.50
CA GLN A 8 -3.16 -7.79 -3.84
C GLN A 8 -4.04 -6.74 -4.52
N LEU A 9 -4.63 -7.04 -5.68
CA LEU A 9 -5.43 -6.05 -6.45
C LEU A 9 -6.70 -5.69 -5.68
N GLY A 10 -7.31 -6.66 -5.01
CA GLY A 10 -8.59 -6.41 -4.33
C GLY A 10 -8.42 -6.09 -2.87
N THR A 11 -7.19 -6.14 -2.36
CA THR A 11 -6.96 -5.73 -0.96
C THR A 11 -6.90 -4.21 -0.89
N GLU A 12 -6.26 -3.57 -1.87
CA GLU A 12 -6.23 -2.11 -1.89
C GLU A 12 -7.62 -1.52 -2.17
N LEU A 13 -8.41 -2.18 -3.00
CA LEU A 13 -9.77 -1.70 -3.17
C LEU A 13 -10.60 -1.95 -1.92
N PHE A 14 -10.35 -3.04 -1.21
CA PHE A 14 -11.00 -3.26 0.07
C PHE A 14 -10.60 -2.16 1.05
N ILE A 15 -9.33 -1.78 1.04
CA ILE A 15 -8.82 -0.74 1.93
C ILE A 15 -9.54 0.58 1.66
N VAL A 16 -9.69 0.95 0.38
CA VAL A 16 -10.37 2.20 0.04
C VAL A 16 -11.78 2.17 0.58
N ARG A 17 -12.44 1.02 0.42
CA ARG A 17 -13.80 0.87 0.91
C ARG A 17 -13.84 1.04 2.42
N GLN A 18 -12.85 0.52 3.12
CA GLN A 18 -12.85 0.53 4.57
C GLN A 18 -12.50 1.90 5.13
N LEU A 19 -11.61 2.65 4.45
CA LEU A 19 -11.30 4.02 4.87
C LEU A 19 -12.49 4.94 4.65
N LEU A 20 -13.14 4.83 3.47
CA LEU A 20 -14.36 5.59 3.24
C LEU A 20 -15.36 5.41 4.37
N GLN A 21 -15.52 4.18 4.88
CA GLN A 21 -16.45 3.97 5.99
C GLN A 21 -15.99 4.70 7.25
N ILE A 22 -14.68 4.72 7.48
CA ILE A 22 -14.14 5.49 8.59
C ILE A 22 -14.45 6.99 8.43
N VAL A 23 -14.38 7.51 7.20
CA VAL A 23 -14.79 8.90 6.97
C VAL A 23 -16.28 9.08 7.30
N LYS A 24 -17.13 8.17 6.83
CA LYS A 24 -18.56 8.33 7.09
C LYS A 24 -18.84 8.29 8.58
N GLN A 25 -18.38 7.26 9.27
CA GLN A 25 -18.60 7.16 10.71
C GLN A 25 -18.01 8.35 11.48
N LYS A 26 -16.91 8.96 11.00
CA LYS A 26 -16.39 10.18 11.67
C LYS A 26 -17.26 11.39 11.36
N THR A 27 -17.58 11.62 10.09
CA THR A 27 -18.51 12.69 9.75
C THR A 27 -19.83 12.54 10.51
N ASN A 28 -20.33 11.30 10.59
CA ASN A 28 -21.56 11.01 11.34
C ASN A 28 -21.49 11.57 12.75
N GLN A 29 -20.32 11.48 13.39
CA GLN A 29 -20.15 11.84 14.78
C GLN A 29 -19.57 13.24 14.96
N ASN A 30 -19.37 13.96 13.85
CA ASN A 30 -18.74 15.31 13.89
C ASN A 30 -17.47 15.20 14.72
N SER A 31 -16.69 14.13 14.50
CA SER A 31 -15.45 13.90 15.28
C SER A 31 -14.22 14.26 14.46
N VAL A 32 -13.86 15.54 14.45
CA VAL A 32 -12.60 15.95 13.78
C VAL A 32 -11.47 15.49 14.69
N ASP A 33 -10.95 14.30 14.44
CA ASP A 33 -9.91 13.73 15.34
C ASP A 33 -8.72 13.24 14.52
N THR A 34 -7.68 12.77 15.20
CA THR A 34 -6.47 12.36 14.49
C THR A 34 -6.78 11.24 13.51
N THR A 35 -7.66 10.32 13.89
CA THR A 35 -7.99 9.19 13.03
C THR A 35 -8.64 9.67 11.74
N LEU A 36 -9.58 10.61 11.83
CA LEU A 36 -10.23 11.11 10.63
C LEU A 36 -9.21 11.76 9.72
N LYS A 37 -8.37 12.62 10.31
CA LYS A 37 -7.32 13.31 9.57
C LYS A 37 -6.41 12.31 8.87
N PHE A 38 -6.00 11.27 9.59
CA PHE A 38 -5.15 10.24 9.00
C PHE A 38 -5.86 9.52 7.87
N THR A 39 -7.12 9.16 8.08
CA THR A 39 -7.88 8.46 7.04
C THR A 39 -7.96 9.29 5.78
N LEU A 40 -8.26 10.59 5.93
CA LEU A 40 -8.26 11.50 4.80
C LEU A 40 -6.91 11.54 4.13
N SER A 41 -5.83 11.63 4.91
CA SER A 41 -4.49 11.58 4.32
C SER A 41 -4.24 10.25 3.62
N ALA A 42 -4.60 9.14 4.27
CA ALA A 42 -4.51 7.83 3.62
C ALA A 42 -5.20 7.83 2.27
N LEU A 43 -6.47 8.23 2.23
CA LEU A 43 -7.16 8.29 0.94
C LEU A 43 -6.40 9.14 -0.07
N TRP A 44 -5.87 10.30 0.35
CA TRP A 44 -5.15 11.16 -0.58
C TRP A 44 -3.99 10.42 -1.23
N ASN A 45 -3.11 9.84 -0.42
CA ASN A 45 -1.90 9.20 -0.96
C ASN A 45 -2.23 8.00 -1.85
N LEU A 46 -3.25 7.22 -1.49
CA LEU A 46 -3.62 6.07 -2.30
C LEU A 46 -4.08 6.47 -3.69
N THR A 47 -4.64 7.65 -3.84
CA THR A 47 -5.12 8.02 -5.16
C THR A 47 -4.00 8.61 -5.98
N ASP A 48 -2.86 8.85 -5.35
CA ASP A 48 -1.73 9.46 -6.04
C ASP A 48 -1.26 8.54 -7.15
N GLU A 49 -1.25 9.09 -8.37
CA GLU A 49 -0.78 8.40 -9.56
C GLU A 49 -1.47 7.04 -9.69
N SER A 50 -2.80 7.06 -9.69
CA SER A 50 -3.45 5.76 -9.61
C SER A 50 -4.91 5.86 -10.00
N PRO A 51 -5.20 5.86 -11.30
CA PRO A 51 -6.59 6.10 -11.73
C PRO A 51 -7.53 4.98 -11.35
N THR A 52 -7.02 3.79 -11.07
CA THR A 52 -7.91 2.74 -10.60
C THR A 52 -8.44 3.06 -9.21
N THR A 53 -7.58 3.62 -8.36
CA THR A 53 -8.04 4.00 -7.02
C THR A 53 -9.00 5.17 -7.09
N CYS A 54 -8.73 6.13 -7.97
CA CYS A 54 -9.69 7.20 -8.18
C CYS A 54 -11.03 6.64 -8.60
N ARG A 55 -11.01 5.64 -9.46
CA ARG A 55 -12.28 5.10 -9.93
C ARG A 55 -13.00 4.38 -8.80
N HIS A 56 -12.27 3.67 -7.96
CA HIS A 56 -12.95 2.94 -6.91
C HIS A 56 -13.57 3.90 -5.93
N PHE A 57 -12.84 4.98 -5.63
CA PHE A 57 -13.32 6.09 -4.82
C PHE A 57 -14.62 6.69 -5.36
N ILE A 58 -14.80 6.71 -6.66
CA ILE A 58 -16.04 7.24 -7.19
C ILE A 58 -17.11 6.16 -7.27
N GLU A 59 -16.69 4.91 -7.51
CA GLU A 59 -17.63 3.79 -7.63
C GLU A 59 -18.32 3.51 -6.29
N ASN A 60 -17.57 3.47 -5.20
CA ASN A 60 -18.21 3.69 -3.91
C ASN A 60 -18.27 5.20 -3.75
N GLN A 61 -19.30 5.72 -3.10
CA GLN A 61 -19.69 7.10 -3.40
C GLN A 61 -18.87 8.10 -2.58
N GLY A 62 -17.59 8.23 -3.00
CA GLY A 62 -16.64 9.09 -2.33
C GLY A 62 -16.82 10.57 -2.58
N LEU A 63 -17.43 10.95 -3.70
CA LEU A 63 -17.69 12.36 -3.95
C LEU A 63 -18.78 12.87 -3.02
N GLU A 64 -19.99 12.33 -3.16
CA GLU A 64 -21.07 12.57 -2.21
C GLU A 64 -20.58 12.65 -0.77
N LEU A 65 -19.71 11.72 -0.39
CA LEU A 65 -19.27 11.68 0.99
C LEU A 65 -18.32 12.82 1.29
N PHE A 66 -17.43 13.12 0.32
CA PHE A 66 -16.47 14.19 0.52
C PHE A 66 -17.15 15.55 0.50
N MET A 67 -18.18 15.71 -0.34
CA MET A 67 -19.10 16.82 -0.23
C MET A 67 -19.59 16.97 1.19
N ARG A 68 -20.28 15.96 1.69
CA ARG A 68 -20.82 16.03 3.03
C ARG A 68 -19.71 16.28 4.09
N VAL A 69 -18.46 15.95 3.77
CA VAL A 69 -17.36 16.24 4.68
C VAL A 69 -17.08 17.74 4.71
N LEU A 70 -16.89 18.34 3.54
CA LEU A 70 -16.81 19.79 3.44
C LEU A 70 -17.92 20.45 4.25
N GLU A 71 -19.15 20.01 4.04
CA GLU A 71 -20.30 20.67 4.64
C GLU A 71 -20.29 20.57 6.16
N SER A 72 -19.80 19.45 6.70
CA SER A 72 -19.80 19.25 8.14
C SER A 72 -18.67 19.97 8.88
N PHE A 73 -17.65 20.42 8.17
CA PHE A 73 -16.45 20.96 8.79
C PHE A 73 -16.01 22.17 7.98
N PRO A 74 -16.82 23.23 7.98
CA PRO A 74 -16.57 24.33 7.04
C PRO A 74 -15.38 25.18 7.45
N THR A 75 -14.97 25.13 8.71
CA THR A 75 -13.84 25.92 9.14
C THR A 75 -12.56 25.11 9.32
N GLU A 76 -12.62 23.78 9.24
CA GLU A 76 -11.43 22.94 9.46
C GLU A 76 -10.55 23.03 8.23
N SER A 77 -9.50 23.85 8.30
CA SER A 77 -8.65 24.09 7.12
C SER A 77 -7.97 22.81 6.65
N SER A 78 -7.38 22.06 7.58
CA SER A 78 -6.60 20.88 7.19
C SER A 78 -7.47 19.76 6.62
N ILE A 79 -8.67 19.51 7.21
CA ILE A 79 -9.64 18.62 6.59
C ILE A 79 -9.84 18.98 5.12
N GLN A 80 -10.34 20.19 4.88
CA GLN A 80 -10.59 20.65 3.53
C GLN A 80 -9.39 20.32 2.63
N GLN A 81 -8.19 20.67 3.08
CA GLN A 81 -7.00 20.44 2.27
C GLN A 81 -6.87 18.98 1.84
N LYS A 82 -6.99 18.04 2.79
CA LYS A 82 -6.87 16.64 2.42
C LYS A 82 -7.98 16.23 1.47
N VAL A 83 -9.20 16.70 1.72
CA VAL A 83 -10.30 16.47 0.78
C VAL A 83 -9.94 16.99 -0.60
N LEU A 84 -9.56 18.26 -0.68
CA LEU A 84 -9.32 18.82 -2.00
C LEU A 84 -8.11 18.23 -2.67
N GLY A 85 -7.14 17.77 -1.87
CA GLY A 85 -5.95 17.15 -2.42
C GLY A 85 -6.28 15.84 -3.12
N LEU A 86 -6.97 14.93 -2.42
CA LEU A 86 -7.45 13.74 -3.12
C LEU A 86 -8.25 14.15 -4.35
N LEU A 87 -9.14 15.14 -4.21
CA LEU A 87 -9.96 15.54 -5.35
C LEU A 87 -9.12 16.12 -6.49
N ASN A 88 -7.93 16.65 -6.20
CA ASN A 88 -7.07 17.16 -7.27
C ASN A 88 -6.56 16.00 -8.10
N ASN A 89 -6.30 14.87 -7.46
CA ASN A 89 -5.89 13.67 -8.17
C ASN A 89 -6.97 13.22 -9.12
N ILE A 90 -8.23 13.22 -8.65
CA ILE A 90 -9.35 12.85 -9.51
C ILE A 90 -9.45 13.80 -10.69
N ALA A 91 -9.38 15.11 -10.44
CA ALA A 91 -9.34 16.10 -11.52
C ALA A 91 -8.30 15.76 -12.59
N GLU A 92 -7.25 15.00 -12.25
CA GLU A 92 -6.19 14.68 -13.21
C GLU A 92 -6.60 13.61 -14.22
N VAL A 93 -7.45 12.66 -13.82
CA VAL A 93 -7.82 11.53 -14.67
C VAL A 93 -8.90 11.95 -15.66
N GLN A 94 -8.55 11.91 -16.94
CA GLN A 94 -9.40 12.43 -18.01
C GLN A 94 -10.66 11.58 -18.22
N GLU A 95 -10.58 10.27 -17.95
CA GLU A 95 -11.78 9.44 -18.09
C GLU A 95 -12.82 9.80 -17.05
N LEU A 96 -12.39 10.11 -15.82
CA LEU A 96 -13.31 10.46 -14.76
C LEU A 96 -13.83 11.89 -14.85
N HIS A 97 -13.36 12.66 -15.84
CA HIS A 97 -13.79 14.05 -15.95
C HIS A 97 -15.30 14.16 -15.94
N SER A 98 -15.97 13.23 -16.59
CA SER A 98 -17.43 13.26 -16.63
C SER A 98 -18.01 13.29 -15.23
N GLU A 99 -17.50 12.46 -14.33
CA GLU A 99 -18.20 12.25 -13.07
C GLU A 99 -17.95 13.37 -12.06
N LEU A 100 -17.11 14.34 -12.43
CA LEU A 100 -16.99 15.59 -11.70
C LEU A 100 -17.85 16.71 -12.27
N MET A 101 -18.53 16.48 -13.37
CA MET A 101 -19.44 17.49 -13.94
C MET A 101 -20.69 17.54 -13.07
N TRP A 102 -20.62 18.31 -11.99
CA TRP A 102 -21.69 18.29 -11.01
C TRP A 102 -21.65 19.61 -10.25
N LYS A 103 -22.71 20.42 -10.40
CA LYS A 103 -22.64 21.80 -9.93
C LYS A 103 -22.58 21.88 -8.40
N ASP A 104 -23.20 20.93 -7.71
CA ASP A 104 -23.00 20.82 -6.26
C ASP A 104 -21.53 20.60 -5.92
N PHE A 105 -20.82 19.84 -6.74
CA PHE A 105 -19.39 19.66 -6.53
C PHE A 105 -18.61 20.90 -6.95
N ILE A 106 -18.95 21.50 -8.08
CA ILE A 106 -18.21 22.68 -8.49
C ILE A 106 -18.48 23.83 -7.53
N ASP A 107 -19.71 23.92 -7.02
CA ASP A 107 -20.04 25.00 -6.09
C ASP A 107 -19.19 24.92 -4.83
N HIS A 108 -18.85 23.71 -4.39
CA HIS A 108 -17.97 23.58 -3.23
C HIS A 108 -16.57 24.05 -3.56
N ILE A 109 -16.08 23.71 -4.77
CA ILE A 109 -14.72 24.05 -5.17
C ILE A 109 -14.58 25.56 -5.39
N SER A 110 -15.57 26.17 -6.04
CA SER A 110 -15.44 27.59 -6.27
C SER A 110 -15.41 28.34 -4.94
N SER A 111 -16.19 27.86 -3.97
CA SER A 111 -16.15 28.42 -2.62
C SER A 111 -14.74 28.44 -2.07
N LEU A 112 -14.13 27.27 -1.99
CA LEU A 112 -12.83 27.14 -1.38
C LEU A 112 -11.73 27.80 -2.19
N LEU A 113 -12.02 28.24 -3.41
CA LEU A 113 -11.00 28.98 -4.14
C LEU A 113 -10.71 30.31 -3.48
N HIS A 114 -11.74 30.95 -2.91
CA HIS A 114 -11.59 32.18 -2.17
C HIS A 114 -11.29 31.94 -0.69
N SER A 115 -10.56 30.88 -0.35
CA SER A 115 -10.16 30.69 1.02
C SER A 115 -9.01 31.64 1.34
N VAL A 116 -9.02 32.21 2.54
CA VAL A 116 -7.85 32.95 2.99
C VAL A 116 -6.67 32.05 3.30
N GLU A 117 -6.82 30.74 3.26
CA GLU A 117 -5.67 29.85 3.45
C GLU A 117 -5.23 29.37 2.09
N VAL A 118 -4.03 29.76 1.70
CA VAL A 118 -3.49 29.40 0.40
C VAL A 118 -3.35 27.89 0.27
N GLU A 119 -2.95 27.20 1.35
CA GLU A 119 -2.99 25.74 1.43
C GLU A 119 -4.34 25.17 0.98
N VAL A 120 -5.44 25.76 1.42
CA VAL A 120 -6.72 25.31 0.92
C VAL A 120 -6.97 25.77 -0.51
N SER A 121 -6.71 27.04 -0.79
CA SER A 121 -7.17 27.58 -2.08
C SER A 121 -6.38 27.01 -3.24
N TYR A 122 -5.11 26.63 -2.98
CA TYR A 122 -4.24 26.08 -4.01
C TYR A 122 -4.80 24.79 -4.60
N PHE A 123 -5.29 23.90 -3.73
CA PHE A 123 -5.85 22.64 -4.23
C PHE A 123 -7.17 22.88 -4.95
N ALA A 124 -7.99 23.78 -4.44
CA ALA A 124 -9.19 24.17 -5.19
C ALA A 124 -8.80 24.62 -6.59
N ALA A 125 -7.86 25.57 -6.69
CA ALA A 125 -7.39 26.05 -7.99
C ALA A 125 -6.98 24.90 -8.90
N GLY A 126 -6.28 23.91 -8.35
CA GLY A 126 -5.81 22.81 -9.16
C GLY A 126 -6.96 22.05 -9.80
N ILE A 127 -7.94 21.66 -8.97
CA ILE A 127 -9.14 21.03 -9.48
C ILE A 127 -9.74 21.85 -10.60
N ILE A 128 -9.79 23.18 -10.43
CA ILE A 128 -10.39 24.02 -11.47
C ILE A 128 -9.56 23.95 -12.74
N ALA A 129 -8.23 24.07 -12.63
CA ALA A 129 -7.41 24.17 -13.82
C ALA A 129 -7.46 22.88 -14.65
N HIS A 130 -7.40 21.72 -13.99
CA HIS A 130 -7.51 20.47 -14.73
C HIS A 130 -8.88 20.31 -15.37
N LEU A 131 -9.91 20.86 -14.75
CA LEU A 131 -11.22 20.75 -15.35
C LEU A 131 -11.38 21.73 -16.50
N ILE A 132 -10.88 22.96 -16.34
CA ILE A 132 -11.02 23.89 -17.44
C ILE A 132 -10.09 23.49 -18.57
N SER A 133 -8.96 22.87 -18.25
CA SER A 133 -8.04 22.35 -19.26
C SER A 133 -8.75 21.53 -20.33
N ARG A 134 -9.79 20.82 -19.96
CA ARG A 134 -10.34 19.88 -20.90
C ARG A 134 -11.22 20.54 -21.97
N GLY A 135 -11.26 21.88 -22.06
CA GLY A 135 -11.95 22.54 -23.13
C GLY A 135 -13.44 22.69 -22.89
N GLU A 136 -14.03 23.61 -23.64
CA GLU A 136 -15.44 23.98 -23.52
C GLU A 136 -16.35 22.79 -23.79
N GLN A 137 -15.95 21.90 -24.69
CA GLN A 137 -16.76 20.81 -25.21
C GLN A 137 -16.88 19.63 -24.24
N ALA A 138 -16.05 19.54 -23.20
CA ALA A 138 -16.16 18.49 -22.20
C ALA A 138 -16.79 18.98 -20.90
N TRP A 139 -17.11 20.27 -20.85
CA TRP A 139 -17.74 20.91 -19.69
C TRP A 139 -19.26 20.78 -19.84
N THR A 140 -19.79 19.64 -19.39
CA THR A 140 -21.22 19.40 -19.47
C THR A 140 -22.05 20.32 -18.56
N LEU A 141 -21.44 21.25 -17.85
CA LEU A 141 -22.21 22.17 -17.02
C LEU A 141 -22.32 23.53 -17.72
N SER A 142 -22.66 24.56 -16.96
CA SER A 142 -22.94 25.88 -17.51
C SER A 142 -21.67 26.57 -17.98
N ARG A 143 -21.78 27.34 -19.07
CA ARG A 143 -20.65 28.14 -19.53
C ARG A 143 -20.57 29.50 -18.85
N SER A 144 -21.65 29.96 -18.20
CA SER A 144 -21.51 31.15 -17.36
C SER A 144 -20.63 30.86 -16.16
N GLN A 145 -20.71 29.64 -15.62
CA GLN A 145 -19.83 29.26 -14.53
C GLN A 145 -18.43 28.94 -15.05
N ARG A 146 -18.33 28.30 -16.22
CA ARG A 146 -17.01 27.94 -16.75
C ARG A 146 -16.18 29.20 -17.05
N ASN A 147 -16.79 30.19 -17.69
CA ASN A 147 -16.07 31.44 -17.94
C ASN A 147 -15.80 32.19 -16.64
N SER A 148 -16.74 32.14 -15.69
CA SER A 148 -16.56 32.90 -14.45
C SER A 148 -15.44 32.32 -13.57
N LEU A 149 -15.37 30.99 -13.49
CA LEU A 149 -14.29 30.38 -12.72
C LEU A 149 -12.94 30.60 -13.39
N LEU A 150 -12.91 30.65 -14.72
CA LEU A 150 -11.67 30.95 -15.41
C LEU A 150 -11.11 32.30 -14.96
N ASP A 151 -11.99 33.28 -14.79
CA ASP A 151 -11.54 34.58 -14.33
C ASP A 151 -11.16 34.52 -12.85
N ASP A 152 -12.04 33.95 -12.03
CA ASP A 152 -11.75 33.88 -10.60
C ASP A 152 -10.46 33.12 -10.33
N LEU A 153 -10.19 32.06 -11.12
CA LEU A 153 -8.97 31.29 -10.92
C LEU A 153 -7.73 32.14 -11.13
N HIS A 154 -7.69 32.88 -12.24
CA HIS A 154 -6.54 33.73 -12.52
C HIS A 154 -6.37 34.80 -11.45
N SER A 155 -7.44 35.54 -11.13
CA SER A 155 -7.26 36.61 -10.16
C SER A 155 -6.87 36.05 -8.78
N ALA A 156 -7.37 34.87 -8.42
CA ALA A 156 -7.05 34.31 -7.11
C ALA A 156 -5.54 34.10 -6.95
N ILE A 157 -4.90 33.46 -7.94
CA ILE A 157 -3.48 33.10 -7.88
C ILE A 157 -2.62 34.29 -7.52
N LEU A 158 -2.95 35.45 -8.09
CA LEU A 158 -2.15 36.64 -7.84
C LEU A 158 -2.33 37.19 -6.44
N LYS A 159 -3.40 36.80 -5.72
CA LYS A 159 -3.58 37.16 -4.31
C LYS A 159 -2.78 36.24 -3.36
N TRP A 160 -2.02 35.33 -3.90
CA TRP A 160 -1.48 34.28 -3.05
C TRP A 160 -0.13 34.73 -2.49
N PRO A 161 0.07 34.60 -1.18
CA PRO A 161 1.38 34.85 -0.59
C PRO A 161 2.33 33.70 -0.89
N THR A 162 3.62 33.96 -0.71
CA THR A 162 4.54 32.85 -0.58
C THR A 162 4.06 32.06 0.63
N PRO A 163 3.82 30.76 0.48
CA PRO A 163 3.51 29.93 1.65
C PRO A 163 4.76 29.55 2.41
N GLU A 164 4.57 29.23 3.69
CA GLU A 164 5.69 29.05 4.62
C GLU A 164 6.46 27.77 4.34
N CYS A 165 5.79 26.63 4.43
CA CYS A 165 6.35 25.34 4.08
C CYS A 165 5.87 24.92 2.69
N GLU A 166 6.52 23.92 2.10
CA GLU A 166 5.97 23.30 0.91
C GLU A 166 4.60 22.69 1.24
N MET A 167 3.63 22.91 0.36
CA MET A 167 2.26 22.48 0.64
C MET A 167 1.88 21.14 0.01
N VAL A 168 2.66 20.62 -0.92
CA VAL A 168 2.23 19.46 -1.67
C VAL A 168 3.48 18.77 -2.17
N ALA A 169 3.40 17.45 -2.32
CA ALA A 169 4.45 16.66 -2.91
C ALA A 169 3.96 16.17 -4.27
N TYR A 170 4.88 16.06 -5.21
CA TYR A 170 4.61 15.44 -6.50
C TYR A 170 5.71 14.42 -6.83
N ARG A 171 5.30 13.23 -7.27
CA ARG A 171 6.22 12.25 -7.82
C ARG A 171 6.61 12.54 -9.26
N SER A 172 5.81 13.31 -10.00
CA SER A 172 6.11 13.68 -11.37
C SER A 172 5.38 14.97 -11.73
N PHE A 173 6.01 15.76 -12.61
CA PHE A 173 5.50 17.03 -13.14
C PHE A 173 4.64 16.85 -14.37
N ASN A 174 4.49 15.62 -14.85
CA ASN A 174 3.81 15.33 -16.11
C ASN A 174 2.41 15.89 -16.22
N PRO A 175 1.50 15.73 -15.23
CA PRO A 175 0.16 16.28 -15.39
C PRO A 175 0.13 17.77 -15.71
N PHE A 176 1.19 18.51 -15.36
CA PHE A 176 1.22 19.96 -15.59
C PHE A 176 1.39 20.31 -17.06
N PHE A 177 2.09 19.47 -17.81
CA PHE A 177 2.48 19.85 -19.16
C PHE A 177 1.30 20.16 -20.06
N PRO A 178 0.20 19.39 -20.05
CA PRO A 178 -0.95 19.81 -20.84
C PRO A 178 -1.49 21.15 -20.43
N LEU A 179 -1.36 21.50 -19.14
CA LEU A 179 -1.85 22.82 -18.73
C LEU A 179 -0.94 23.92 -19.24
N LEU A 180 0.35 23.64 -19.42
CA LEU A 180 1.26 24.67 -19.86
C LEU A 180 0.94 25.14 -21.28
N GLY A 181 0.26 24.29 -22.05
CA GLY A 181 -0.05 24.64 -23.45
C GLY A 181 -1.49 25.11 -23.62
N CYS A 182 -2.22 25.29 -22.53
CA CYS A 182 -3.60 25.83 -22.60
C CYS A 182 -3.52 27.36 -22.67
N PHE A 183 -3.00 27.90 -23.78
CA PHE A 183 -2.79 29.37 -23.91
C PHE A 183 -4.12 30.12 -23.93
N THR A 184 -5.18 29.51 -24.46
CA THR A 184 -6.50 30.18 -24.56
C THR A 184 -7.05 30.48 -23.16
N THR A 185 -6.62 29.73 -22.15
CA THR A 185 -7.13 29.87 -20.76
C THR A 185 -5.97 30.24 -19.85
N PRO A 186 -5.55 31.51 -19.70
CA PRO A 186 -4.33 31.80 -18.91
C PRO A 186 -4.35 31.29 -17.47
N GLY A 187 -5.50 31.43 -16.78
CA GLY A 187 -5.60 30.94 -15.42
C GLY A 187 -5.21 29.48 -15.26
N VAL A 188 -5.43 28.67 -16.29
CA VAL A 188 -4.99 27.27 -16.23
C VAL A 188 -3.46 27.18 -16.33
N GLN A 189 -2.87 27.98 -17.22
CA GLN A 189 -1.41 28.05 -17.27
C GLN A 189 -0.88 28.74 -16.03
N LEU A 190 -1.58 29.76 -15.54
CA LEU A 190 -1.09 30.48 -14.37
C LEU A 190 -0.93 29.54 -13.18
N TRP A 191 -1.95 28.72 -12.90
CA TRP A 191 -1.83 27.79 -11.79
C TRP A 191 -0.63 26.89 -11.97
N ALA A 192 -0.45 26.38 -13.19
CA ALA A 192 0.61 25.43 -13.43
C ALA A 192 1.97 26.04 -13.11
N VAL A 193 2.23 27.24 -13.61
CA VAL A 193 3.55 27.84 -13.43
C VAL A 193 3.78 28.20 -11.96
N TRP A 194 2.79 28.83 -11.33
CA TRP A 194 2.91 29.18 -9.92
C TRP A 194 3.31 27.96 -9.08
N ALA A 195 2.71 26.81 -9.36
CA ALA A 195 2.94 25.61 -8.57
C ALA A 195 4.34 25.05 -8.78
N MET A 196 4.78 25.01 -10.03
CA MET A 196 6.15 24.59 -10.35
C MET A 196 7.15 25.51 -9.68
N GLN A 197 6.96 26.81 -9.81
CA GLN A 197 7.78 27.76 -9.08
C GLN A 197 7.73 27.48 -7.59
N HIS A 198 6.56 27.19 -7.07
CA HIS A 198 6.44 27.05 -5.64
C HIS A 198 7.21 25.85 -5.12
N VAL A 199 7.08 24.69 -5.77
CA VAL A 199 7.87 23.53 -5.32
C VAL A 199 9.35 23.67 -5.70
N CYS A 200 9.68 24.37 -6.80
CA CYS A 200 11.09 24.46 -7.11
C CYS A 200 11.82 25.41 -6.17
N SER A 201 11.14 26.43 -5.65
CA SER A 201 11.83 27.30 -4.68
C SER A 201 11.86 26.67 -3.29
N LYS A 202 10.85 25.88 -2.93
CA LYS A 202 10.85 25.29 -1.59
C LYS A 202 11.82 24.10 -1.51
N ASN A 203 11.87 23.26 -2.54
CA ASN A 203 12.59 21.98 -2.47
C ASN A 203 13.33 21.76 -3.79
N PRO A 204 14.23 22.66 -4.17
CA PRO A 204 14.93 22.47 -5.45
C PRO A 204 15.72 21.19 -5.52
N SER A 205 16.26 20.72 -4.40
CA SER A 205 17.07 19.51 -4.42
C SER A 205 16.30 18.34 -5.04
N ARG A 206 14.99 18.29 -4.82
CA ARG A 206 14.10 17.30 -5.42
C ARG A 206 13.55 17.73 -6.77
N TYR A 207 13.13 18.98 -6.92
CA TYR A 207 12.22 19.26 -8.01
C TYR A 207 12.87 19.87 -9.25
N CYS A 208 14.06 20.46 -9.14
CA CYS A 208 14.71 21.02 -10.33
C CYS A 208 15.21 19.90 -11.25
N SER A 209 15.87 18.91 -10.67
CA SER A 209 16.31 17.77 -11.48
C SER A 209 15.10 17.10 -12.14
N MET A 210 14.03 16.89 -11.36
CA MET A 210 12.82 16.25 -11.88
C MET A 210 12.22 17.07 -13.01
N LEU A 211 11.96 18.37 -12.75
CA LEU A 211 11.40 19.24 -13.77
C LEU A 211 12.22 19.20 -15.05
N ILE A 212 13.55 19.19 -14.92
CA ILE A 212 14.42 19.21 -16.10
C ILE A 212 14.42 17.87 -16.80
N GLU A 213 14.52 16.78 -16.05
CA GLU A 213 14.63 15.48 -16.69
C GLU A 213 13.38 15.13 -17.49
N GLU A 214 12.17 15.42 -16.93
CA GLU A 214 10.88 15.10 -17.56
C GLU A 214 10.56 15.99 -18.78
N GLY A 215 11.49 16.83 -19.21
CA GLY A 215 11.29 17.63 -20.39
C GLY A 215 10.55 18.93 -20.16
N GLY A 216 10.58 19.47 -18.93
CA GLY A 216 9.81 20.66 -18.63
C GLY A 216 10.29 21.95 -19.28
N LEU A 217 11.61 22.08 -19.47
CA LEU A 217 12.18 23.35 -19.92
C LEU A 217 11.59 23.78 -21.25
N GLN A 218 11.39 22.83 -22.16
CA GLN A 218 10.90 23.20 -23.48
C GLN A 218 9.50 23.80 -23.41
N HIS A 219 8.60 23.18 -22.65
CA HIS A 219 7.29 23.77 -22.44
C HIS A 219 7.44 25.18 -21.88
N LEU A 220 8.28 25.33 -20.86
CA LEU A 220 8.53 26.65 -20.28
C LEU A 220 9.10 27.62 -21.32
N TYR A 221 10.07 27.15 -22.13
CA TYR A 221 10.60 27.99 -23.21
C TYR A 221 9.53 28.35 -24.22
N ASN A 222 8.62 27.41 -24.48
CA ASN A 222 7.51 27.66 -25.40
C ASN A 222 6.69 28.86 -24.94
N ILE A 223 6.49 28.99 -23.63
CA ILE A 223 5.78 30.15 -23.07
C ILE A 223 6.61 31.41 -23.23
N LYS A 224 7.93 31.30 -23.11
CA LYS A 224 8.79 32.48 -23.09
C LYS A 224 8.70 33.27 -24.39
N ASP A 225 8.42 32.62 -25.53
CA ASP A 225 8.46 33.28 -26.83
C ASP A 225 7.11 33.34 -27.55
N HIS A 226 6.10 32.63 -27.07
CA HIS A 226 4.80 32.64 -27.74
C HIS A 226 4.29 34.06 -27.84
N HIS A 228 2.33 36.50 -28.22
CA HIS A 228 1.48 37.19 -27.26
C HIS A 228 0.95 36.25 -26.19
N THR A 229 1.45 36.42 -24.97
CA THR A 229 1.08 35.57 -23.85
C THR A 229 0.78 36.42 -22.62
N ASP A 230 0.13 35.79 -21.65
CA ASP A 230 -0.29 36.50 -20.46
C ASP A 230 0.92 36.97 -19.67
N PRO A 231 1.00 38.26 -19.34
CA PRO A 231 2.19 38.76 -18.62
C PRO A 231 2.53 37.97 -17.37
N HIS A 232 1.56 37.77 -16.47
CA HIS A 232 1.83 37.06 -15.23
C HIS A 232 2.34 35.66 -15.49
N VAL A 233 1.67 34.93 -16.38
CA VAL A 233 2.09 33.58 -16.73
C VAL A 233 3.49 33.60 -17.32
N GLN A 234 3.77 34.58 -18.18
CA GLN A 234 5.09 34.72 -18.74
C GLN A 234 6.11 35.16 -17.69
N GLN A 235 5.67 35.93 -16.69
CA GLN A 235 6.57 36.37 -15.62
C GLN A 235 7.07 35.19 -14.80
N ILE A 236 6.16 34.44 -14.16
CA ILE A 236 6.56 33.24 -13.45
C ILE A 236 7.37 32.32 -14.35
N ALA A 237 6.98 32.25 -15.62
CA ALA A 237 7.69 31.38 -16.57
C ALA A 237 9.18 31.69 -16.58
N VAL A 238 9.54 32.93 -16.84
CA VAL A 238 10.99 33.26 -16.99
C VAL A 238 11.72 33.21 -15.64
N ALA A 239 11.00 33.38 -14.53
CA ALA A 239 11.64 33.30 -13.20
C ALA A 239 12.16 31.88 -12.96
N ILE A 240 11.28 30.88 -13.08
CA ILE A 240 11.70 29.46 -12.93
C ILE A 240 12.88 29.22 -13.86
N LEU A 241 12.73 29.59 -15.13
CA LEU A 241 13.80 29.36 -16.13
C LEU A 241 15.10 29.99 -15.62
N ASP A 242 15.09 31.27 -15.26
CA ASP A 242 16.35 31.97 -14.88
C ASP A 242 16.96 31.36 -13.61
N SER A 243 16.16 30.67 -12.81
CA SER A 243 16.67 30.01 -11.58
C SER A 243 17.49 28.78 -11.98
N LEU A 244 17.61 28.51 -13.28
CA LEU A 244 18.39 27.34 -13.77
C LEU A 244 19.32 27.82 -14.90
N GLU A 245 18.79 28.68 -15.78
CA GLU A 245 19.59 29.23 -16.93
C GLU A 245 20.23 30.54 -16.49
N CYS B 1 -0.19 13.90 -6.86
CA CYS B 1 -0.33 14.84 -5.73
C CYS B 1 -0.48 14.03 -4.45
N PHE B 2 0.45 14.20 -3.51
CA PHE B 2 0.33 13.52 -2.19
C PHE B 2 0.63 14.50 -1.05
N LEU B 3 0.32 14.10 0.19
CA LEU B 3 0.44 15.01 1.36
C LEU B 3 1.79 15.66 1.62
N HIS B 4 2.83 14.86 1.83
CA HIS B 4 4.23 15.36 1.91
C HIS B 4 5.16 14.24 1.46
N VAL B 5 6.45 14.53 1.36
CA VAL B 5 7.44 13.52 0.91
C VAL B 5 7.56 12.45 1.99
N GLY B 6 7.47 11.19 1.59
CA GLY B 6 7.54 10.08 2.54
C GLY B 6 6.29 9.82 3.35
N ALA B 7 5.23 10.61 3.15
CA ALA B 7 3.98 10.37 3.85
C ALA B 7 3.44 8.96 3.61
N GLN B 8 3.86 8.30 2.52
CA GLN B 8 3.22 7.04 2.19
C GLN B 8 3.47 6.00 3.27
N LEU B 9 4.67 5.99 3.86
CA LEU B 9 4.98 5.02 4.90
C LEU B 9 4.09 5.21 6.12
N GLY B 10 3.85 6.47 6.49
CA GLY B 10 3.01 6.76 7.63
C GLY B 10 1.57 6.34 7.43
N THR B 11 1.08 6.38 6.18
CA THR B 11 -0.26 5.90 6.01
C THR B 11 -0.33 4.40 5.83
N GLU B 12 0.78 3.73 5.48
CA GLU B 12 0.72 2.28 5.49
C GLU B 12 0.64 1.77 6.91
N LEU B 13 1.43 2.35 7.82
CA LEU B 13 1.33 1.88 9.19
C LEU B 13 -0.01 2.23 9.82
N PHE B 14 -0.69 3.27 9.32
CA PHE B 14 -2.03 3.57 9.83
C PHE B 14 -3.04 2.53 9.33
N ILE B 15 -2.94 2.13 8.06
CA ILE B 15 -3.80 1.08 7.54
C ILE B 15 -3.64 -0.19 8.35
N VAL B 16 -2.40 -0.57 8.65
CA VAL B 16 -2.20 -1.73 9.50
C VAL B 16 -2.92 -1.53 10.83
N ARG B 17 -2.79 -0.34 11.42
CA ARG B 17 -3.41 -0.09 12.73
C ARG B 17 -4.93 -0.21 12.66
N GLN B 18 -5.53 0.43 11.64
CA GLN B 18 -6.96 0.38 11.46
C GLN B 18 -7.44 -1.03 11.13
N LEU B 19 -6.72 -1.74 10.23
CA LEU B 19 -7.15 -3.10 9.88
C LEU B 19 -7.21 -3.97 11.12
N LEU B 20 -6.17 -3.89 11.96
CA LEU B 20 -6.15 -4.64 13.21
C LEU B 20 -7.35 -4.29 14.07
N GLN B 21 -7.86 -3.05 13.98
CA GLN B 21 -9.05 -2.69 14.75
C GLN B 21 -10.27 -3.47 14.25
N ILE B 22 -10.41 -3.61 12.94
CA ILE B 22 -11.52 -4.38 12.41
C ILE B 22 -11.41 -5.84 12.87
N VAL B 23 -10.18 -6.37 12.95
CA VAL B 23 -10.01 -7.69 13.54
C VAL B 23 -10.55 -7.70 14.97
N LYS B 24 -10.06 -6.77 15.79
CA LYS B 24 -10.47 -6.74 17.20
C LYS B 24 -11.99 -6.64 17.34
N GLN B 25 -12.65 -5.82 16.52
CA GLN B 25 -14.11 -5.72 16.56
C GLN B 25 -14.76 -7.06 16.20
N LYS B 26 -14.40 -7.62 15.04
CA LYS B 26 -15.08 -8.83 14.59
C LYS B 26 -14.89 -9.97 15.56
N THR B 27 -13.71 -10.05 16.19
CA THR B 27 -13.51 -11.09 17.20
C THR B 27 -14.35 -10.82 18.45
N ASN B 28 -14.50 -9.54 18.80
CA ASN B 28 -15.34 -9.21 19.94
C ASN B 28 -16.77 -9.68 19.72
N GLN B 29 -17.27 -9.52 18.50
CA GLN B 29 -18.63 -9.89 18.14
C GLN B 29 -18.78 -11.36 17.75
N ASN B 30 -17.71 -12.15 17.90
CA ASN B 30 -17.72 -13.57 17.47
C ASN B 30 -18.33 -13.64 16.07
N SER B 31 -18.13 -12.59 15.28
CA SER B 31 -18.63 -12.54 13.88
C SER B 31 -17.57 -13.06 12.93
N VAL B 32 -17.93 -14.00 12.06
CA VAL B 32 -16.96 -14.50 11.03
C VAL B 32 -17.56 -14.14 9.67
N ASP B 33 -17.44 -12.88 9.28
CA ASP B 33 -18.08 -12.39 8.03
C ASP B 33 -17.08 -12.17 6.89
N THR B 34 -17.56 -11.57 5.81
CA THR B 34 -16.69 -11.32 4.63
C THR B 34 -15.63 -10.31 5.02
N THR B 35 -16.02 -9.22 5.67
CA THR B 35 -15.00 -8.21 5.92
C THR B 35 -13.86 -8.77 6.75
N LEU B 36 -14.14 -9.65 7.71
CA LEU B 36 -13.05 -10.13 8.56
C LEU B 36 -12.03 -10.92 7.74
N LYS B 37 -12.50 -11.86 6.93
CA LYS B 37 -11.52 -12.57 6.14
C LYS B 37 -10.92 -11.67 5.06
N PHE B 38 -11.60 -10.60 4.65
CA PHE B 38 -10.91 -9.63 3.79
C PHE B 38 -9.83 -8.90 4.56
N THR B 39 -10.15 -8.47 5.77
CA THR B 39 -9.16 -7.79 6.58
C THR B 39 -7.94 -8.67 6.81
N LEU B 40 -8.18 -9.95 7.13
CA LEU B 40 -7.08 -10.86 7.43
C LEU B 40 -6.19 -11.10 6.22
N SER B 41 -6.79 -11.18 5.02
CA SER B 41 -6.00 -11.24 3.79
C SER B 41 -5.15 -10.01 3.63
N ALA B 42 -5.77 -8.84 3.82
CA ALA B 42 -5.08 -7.59 3.58
C ALA B 42 -3.87 -7.47 4.49
N LEU B 43 -4.07 -7.79 5.77
CA LEU B 43 -2.95 -7.82 6.71
C LEU B 43 -1.90 -8.83 6.26
N TRP B 44 -2.32 -10.02 5.87
CA TRP B 44 -1.40 -11.00 5.31
C TRP B 44 -0.60 -10.40 4.15
N ASN B 45 -1.28 -9.91 3.11
CA ASN B 45 -0.56 -9.32 1.97
C ASN B 45 0.42 -8.23 2.39
N LEU B 46 0.01 -7.34 3.30
CA LEU B 46 0.84 -6.20 3.65
C LEU B 46 2.14 -6.62 4.33
N THR B 47 2.13 -7.76 5.01
CA THR B 47 3.34 -8.24 5.68
C THR B 47 4.26 -9.02 4.75
N ASP B 48 3.77 -9.43 3.59
CA ASP B 48 4.62 -10.07 2.60
C ASP B 48 5.80 -9.18 2.25
N GLU B 49 6.99 -9.65 2.60
CA GLU B 49 8.25 -9.02 2.23
C GLU B 49 8.44 -7.64 2.83
N SER B 50 7.74 -7.34 3.92
CA SER B 50 7.85 -6.02 4.52
C SER B 50 8.21 -6.17 5.98
N PRO B 51 9.48 -6.37 6.29
CA PRO B 51 9.93 -6.35 7.69
C PRO B 51 9.35 -5.19 8.48
N THR B 52 9.08 -4.06 7.80
CA THR B 52 8.63 -2.88 8.52
C THR B 52 7.18 -3.00 8.94
N THR B 53 6.28 -3.43 8.05
CA THR B 53 4.90 -3.59 8.51
C THR B 53 4.80 -4.74 9.52
N CYS B 54 5.61 -5.80 9.36
CA CYS B 54 5.67 -6.88 10.34
C CYS B 54 6.01 -6.35 11.72
N ARG B 55 7.07 -5.55 11.81
CA ARG B 55 7.38 -4.88 13.07
C ARG B 55 6.23 -4.01 13.56
N HIS B 56 5.47 -3.38 12.64
CA HIS B 56 4.36 -2.57 13.12
C HIS B 56 3.27 -3.43 13.70
N PHE B 57 2.97 -4.55 13.03
CA PHE B 57 2.07 -5.57 13.54
C PHE B 57 2.41 -5.96 14.99
N ILE B 58 3.67 -6.30 15.23
CA ILE B 58 4.05 -6.69 16.59
C ILE B 58 3.81 -5.55 17.56
N GLU B 59 4.17 -4.33 17.16
CA GLU B 59 4.13 -3.21 18.09
C GLU B 59 2.70 -2.75 18.39
N ASN B 60 1.74 -3.13 17.55
CA ASN B 60 0.33 -2.87 17.82
C ASN B 60 -0.41 -4.07 18.40
N GLN B 61 0.28 -4.91 19.19
CA GLN B 61 -0.26 -6.14 19.80
C GLN B 61 -0.89 -7.11 18.81
N GLY B 62 -0.44 -7.12 17.55
CA GLY B 62 -1.05 -8.01 16.57
C GLY B 62 -1.01 -9.47 16.99
N LEU B 63 0.10 -9.89 17.59
CA LEU B 63 0.25 -11.27 18.00
C LEU B 63 -0.82 -11.68 18.99
N GLU B 64 -1.00 -10.91 20.07
CA GLU B 64 -1.99 -11.29 21.08
C GLU B 64 -3.39 -11.23 20.50
N LEU B 65 -3.65 -10.27 19.62
CA LEU B 65 -4.91 -10.26 18.92
C LEU B 65 -5.09 -11.54 18.11
N PHE B 66 -4.12 -11.82 17.23
CA PHE B 66 -4.26 -12.94 16.31
C PHE B 66 -4.47 -14.25 17.04
N MET B 67 -3.98 -14.35 18.25
CA MET B 67 -4.20 -15.59 18.95
C MET B 67 -5.54 -15.63 19.66
N ARG B 68 -6.09 -14.47 19.97
CA ARG B 68 -7.49 -14.38 20.36
C ARG B 68 -8.37 -14.86 19.21
N VAL B 69 -8.05 -14.42 17.99
CA VAL B 69 -8.69 -14.93 16.78
C VAL B 69 -8.60 -16.45 16.71
N LEU B 70 -7.40 -16.97 16.93
CA LEU B 70 -7.22 -18.43 16.94
C LEU B 70 -8.05 -19.07 18.04
N GLU B 71 -8.02 -18.51 19.25
CA GLU B 71 -8.74 -19.15 20.33
C GLU B 71 -10.24 -18.96 20.22
N SER B 72 -10.70 -17.97 19.47
CA SER B 72 -12.12 -17.71 19.39
C SER B 72 -12.78 -18.41 18.20
N PHE B 73 -12.02 -18.81 17.19
CA PHE B 73 -12.54 -19.47 16.00
C PHE B 73 -11.74 -20.71 15.70
N PRO B 74 -11.93 -21.80 16.45
CA PRO B 74 -11.11 -23.00 16.21
C PRO B 74 -11.55 -23.80 14.99
N THR B 75 -12.81 -23.67 14.53
CA THR B 75 -13.30 -24.51 13.44
C THR B 75 -13.11 -23.88 12.07
N GLU B 76 -12.89 -22.56 12.00
CA GLU B 76 -12.87 -21.83 10.72
C GLU B 76 -11.46 -21.88 10.14
N SER B 77 -11.16 -22.95 9.40
CA SER B 77 -9.77 -23.20 9.03
C SER B 77 -9.24 -22.11 8.09
N SER B 78 -10.08 -21.64 7.16
CA SER B 78 -9.62 -20.58 6.25
C SER B 78 -9.18 -19.34 7.02
N ILE B 79 -9.87 -19.03 8.12
CA ILE B 79 -9.43 -17.98 9.04
C ILE B 79 -8.07 -18.34 9.62
N GLN B 80 -7.92 -19.53 10.21
CA GLN B 80 -6.64 -19.91 10.80
C GLN B 80 -5.51 -19.81 9.78
N GLN B 81 -5.80 -20.20 8.53
CA GLN B 81 -4.84 -20.08 7.45
C GLN B 81 -4.29 -18.66 7.32
N LYS B 82 -5.19 -17.70 7.08
CA LYS B 82 -4.78 -16.30 6.95
C LYS B 82 -3.96 -15.84 8.15
N VAL B 83 -4.37 -16.21 9.37
CA VAL B 83 -3.62 -15.86 10.57
C VAL B 83 -2.21 -16.43 10.50
N LEU B 84 -2.08 -17.74 10.23
CA LEU B 84 -0.75 -18.31 10.33
C LEU B 84 0.14 -17.88 9.18
N GLY B 85 -0.44 -17.60 8.02
CA GLY B 85 0.37 -17.18 6.89
C GLY B 85 1.02 -15.82 7.13
N LEU B 86 0.25 -14.88 7.69
CA LEU B 86 0.85 -13.65 8.16
C LEU B 86 1.92 -13.96 9.18
N LEU B 87 1.58 -14.76 10.20
CA LEU B 87 2.57 -15.08 11.22
C LEU B 87 3.77 -15.74 10.59
N ASN B 88 3.56 -16.50 9.52
CA ASN B 88 4.68 -17.07 8.81
C ASN B 88 5.57 -15.98 8.23
N ASN B 89 4.98 -14.92 7.66
CA ASN B 89 5.75 -13.76 7.22
C ASN B 89 6.55 -13.19 8.39
N ILE B 90 5.91 -12.99 9.53
CA ILE B 90 6.60 -12.46 10.69
C ILE B 90 7.74 -13.34 11.10
N ALA B 91 7.53 -14.67 11.09
CA ALA B 91 8.58 -15.60 11.50
C ALA B 91 9.82 -15.45 10.63
N GLU B 92 9.62 -15.06 9.37
CA GLU B 92 10.74 -14.85 8.48
C GLU B 92 11.64 -13.68 8.89
N VAL B 93 11.28 -12.86 9.86
CA VAL B 93 12.08 -11.67 10.15
C VAL B 93 12.91 -11.91 11.42
N GLN B 94 14.23 -11.99 11.24
CA GLN B 94 15.14 -12.42 12.31
C GLN B 94 15.08 -11.50 13.51
N GLU B 95 15.02 -10.19 13.27
CA GLU B 95 15.02 -9.23 14.36
C GLU B 95 13.78 -9.37 15.24
N LEU B 96 12.74 -10.08 14.77
CA LEU B 96 11.54 -10.29 15.56
C LEU B 96 11.51 -11.62 16.28
N HIS B 97 12.63 -12.35 16.31
CA HIS B 97 12.61 -13.70 16.84
C HIS B 97 12.20 -13.72 18.30
N SER B 98 12.61 -12.67 19.04
CA SER B 98 12.34 -12.60 20.48
C SER B 98 10.87 -12.56 20.76
N GLU B 99 10.12 -11.88 19.89
CA GLU B 99 8.68 -11.64 20.18
C GLU B 99 7.87 -12.91 20.00
N LEU B 100 8.33 -13.81 19.15
CA LEU B 100 7.52 -15.02 18.86
C LEU B 100 7.82 -16.10 19.90
N MET B 101 8.79 -15.87 20.79
CA MET B 101 9.12 -16.83 21.87
C MET B 101 8.13 -16.65 23.03
N TRP B 102 6.84 -16.70 22.74
CA TRP B 102 5.79 -16.62 23.78
C TRP B 102 5.26 -18.03 23.97
N LYS B 103 5.22 -18.54 25.21
CA LYS B 103 4.87 -19.93 25.42
C LYS B 103 3.43 -20.23 24.97
N ASP B 104 2.49 -19.35 25.33
CA ASP B 104 1.10 -19.49 24.88
C ASP B 104 1.03 -19.57 23.35
N PHE B 105 1.89 -18.84 22.63
CA PHE B 105 1.91 -18.83 21.17
C PHE B 105 2.42 -20.15 20.60
N ILE B 106 3.69 -20.46 20.85
CA ILE B 106 4.30 -21.72 20.41
C ILE B 106 3.39 -22.89 20.75
N ASP B 107 2.78 -22.87 21.94
CA ASP B 107 1.89 -23.95 22.33
C ASP B 107 0.77 -24.12 21.33
N HIS B 108 0.23 -23.00 20.83
CA HIS B 108 -0.89 -23.06 19.92
C HIS B 108 -0.46 -23.45 18.52
N ILE B 109 0.61 -22.83 18.01
CA ILE B 109 1.18 -23.28 16.74
C ILE B 109 1.36 -24.78 16.76
N SER B 110 2.08 -25.29 17.77
CA SER B 110 2.36 -26.71 17.88
C SER B 110 1.10 -27.56 17.81
N SER B 111 0.00 -27.04 18.34
CA SER B 111 -1.28 -27.73 18.19
C SER B 111 -1.68 -27.79 16.70
N LEU B 112 -1.80 -26.63 16.04
CA LEU B 112 -2.20 -26.59 14.64
C LEU B 112 -1.21 -27.28 13.70
N LEU B 113 0.05 -27.39 14.11
CA LEU B 113 1.00 -28.13 13.30
C LEU B 113 0.46 -29.51 12.96
N HIS B 114 -0.24 -30.12 13.90
CA HIS B 114 -0.87 -31.43 13.73
C HIS B 114 -2.31 -31.35 13.23
N SER B 115 -2.65 -30.30 12.50
CA SER B 115 -4.04 -30.19 12.07
C SER B 115 -4.29 -31.17 10.93
N VAL B 116 -5.56 -31.33 10.58
CA VAL B 116 -5.92 -32.25 9.52
C VAL B 116 -5.74 -31.61 8.16
N GLU B 117 -6.02 -30.30 8.08
CA GLU B 117 -5.90 -29.57 6.79
C GLU B 117 -4.43 -29.21 6.57
N VAL B 118 -3.88 -29.56 5.40
CA VAL B 118 -2.48 -29.18 5.06
C VAL B 118 -2.48 -27.65 4.88
N GLU B 119 -3.58 -27.08 4.40
CA GLU B 119 -3.70 -25.61 4.20
C GLU B 119 -3.51 -24.84 5.51
N VAL B 120 -3.48 -25.53 6.65
CA VAL B 120 -3.37 -24.86 7.97
C VAL B 120 -2.07 -25.32 8.63
N SER B 121 -1.78 -26.62 8.55
CA SER B 121 -0.57 -27.19 9.22
C SER B 121 0.68 -26.74 8.47
N TYR B 122 0.55 -26.49 7.17
CA TYR B 122 1.70 -26.01 6.37
C TYR B 122 2.21 -24.71 6.96
N PHE B 123 1.29 -23.78 7.24
CA PHE B 123 1.78 -22.49 7.70
C PHE B 123 2.32 -22.56 9.11
N ALA B 124 1.72 -23.43 9.93
CA ALA B 124 2.25 -23.65 11.26
C ALA B 124 3.62 -24.28 11.20
N ALA B 125 3.80 -25.20 10.26
CA ALA B 125 5.11 -25.78 10.06
C ALA B 125 6.11 -24.70 9.71
N GLY B 126 5.72 -23.80 8.81
CA GLY B 126 6.57 -22.67 8.44
C GLY B 126 6.98 -21.84 9.64
N ILE B 127 6.04 -21.50 10.50
CA ILE B 127 6.43 -20.75 11.68
C ILE B 127 7.45 -21.54 12.50
N ILE B 128 7.22 -22.82 12.68
CA ILE B 128 8.12 -23.61 13.52
C ILE B 128 9.46 -23.81 12.83
N ALA B 129 9.43 -24.15 11.55
CA ALA B 129 10.66 -24.26 10.77
C ALA B 129 11.56 -23.04 10.93
N HIS B 130 11.02 -21.85 10.67
CA HIS B 130 11.82 -20.63 10.73
C HIS B 130 12.37 -20.40 12.13
N LEU B 131 11.57 -20.70 13.16
CA LEU B 131 12.04 -20.47 14.52
C LEU B 131 13.21 -21.40 14.88
N ILE B 132 13.04 -22.72 14.70
CA ILE B 132 14.11 -23.64 15.09
C ILE B 132 15.40 -23.37 14.34
N SER B 133 15.31 -22.83 13.12
CA SER B 133 16.50 -22.58 12.31
C SER B 133 17.44 -21.52 12.91
N ARG B 134 17.03 -20.78 13.92
CA ARG B 134 17.93 -19.78 14.48
C ARG B 134 18.77 -20.33 15.62
N GLY B 135 18.57 -21.57 16.02
CA GLY B 135 19.55 -22.25 16.83
C GLY B 135 19.09 -22.44 18.26
N GLU B 136 19.91 -23.16 19.04
CA GLU B 136 19.51 -23.48 20.43
C GLU B 136 19.66 -22.24 21.30
N GLN B 137 20.75 -21.50 21.13
CA GLN B 137 21.02 -20.31 21.96
C GLN B 137 19.88 -19.30 21.88
N ALA B 138 19.20 -19.23 20.73
CA ALA B 138 18.14 -18.22 20.53
C ALA B 138 16.81 -18.72 21.08
N TRP B 139 16.65 -20.03 21.19
CA TRP B 139 15.41 -20.58 21.80
C TRP B 139 15.44 -20.25 23.29
N THR B 140 14.65 -19.27 23.71
CA THR B 140 14.62 -18.85 25.13
C THR B 140 13.54 -19.62 25.87
N LEU B 141 12.80 -20.49 25.17
CA LEU B 141 11.70 -21.24 25.82
C LEU B 141 12.12 -22.73 25.83
N SER B 142 11.27 -23.60 26.37
CA SER B 142 11.64 -24.97 26.86
C SER B 142 12.52 -25.69 25.84
N ARG B 143 13.78 -25.92 26.21
CA ARG B 143 14.71 -26.65 25.30
C ARG B 143 14.05 -27.96 24.87
N SER B 144 13.32 -28.61 25.78
CA SER B 144 12.63 -29.89 25.45
C SER B 144 11.58 -29.65 24.37
N GLN B 145 10.69 -28.67 24.58
CA GLN B 145 9.66 -28.33 23.56
C GLN B 145 10.37 -28.19 22.21
N ARG B 146 11.56 -27.58 22.19
CA ARG B 146 12.23 -27.34 20.92
C ARG B 146 12.63 -28.66 20.26
N ASN B 147 13.01 -29.65 21.05
CA ASN B 147 13.43 -30.93 20.48
C ASN B 147 12.24 -31.81 20.12
N SER B 148 11.19 -31.77 20.93
CA SER B 148 9.91 -32.35 20.53
C SER B 148 9.39 -31.69 19.25
N LEU B 149 9.29 -30.35 19.24
CA LEU B 149 8.82 -29.62 18.06
C LEU B 149 9.59 -30.01 16.79
N LEU B 150 10.91 -30.15 16.90
CA LEU B 150 11.71 -30.49 15.73
C LEU B 150 11.35 -31.89 15.17
N ASP B 151 11.06 -32.86 16.05
CA ASP B 151 10.61 -34.15 15.53
C ASP B 151 9.20 -34.04 14.96
N ASP B 152 8.30 -33.32 15.65
CA ASP B 152 6.91 -33.26 15.20
C ASP B 152 6.80 -32.56 13.85
N LEU B 153 7.58 -31.49 13.66
CA LEU B 153 7.74 -30.90 12.34
C LEU B 153 7.97 -31.99 11.30
N HIS B 154 9.08 -32.72 11.44
CA HIS B 154 9.42 -33.80 10.53
C HIS B 154 8.28 -34.81 10.36
N SER B 155 7.63 -35.21 11.46
CA SER B 155 6.53 -36.17 11.39
C SER B 155 5.37 -35.65 10.55
N ALA B 156 4.88 -34.46 10.88
CA ALA B 156 3.61 -34.00 10.31
C ALA B 156 3.73 -33.64 8.83
N ILE B 157 4.94 -33.35 8.35
CA ILE B 157 5.16 -33.14 6.92
C ILE B 157 5.02 -34.44 6.16
N LEU B 158 5.60 -35.53 6.67
CA LEU B 158 5.58 -36.80 5.93
C LEU B 158 4.16 -37.34 5.76
N LYS B 159 3.27 -37.03 6.69
CA LYS B 159 1.87 -37.39 6.56
C LYS B 159 1.08 -36.41 5.68
N TRP B 160 1.74 -35.51 4.97
CA TRP B 160 0.95 -34.53 4.24
C TRP B 160 0.54 -35.05 2.87
N PRO B 161 -0.70 -34.81 2.46
CA PRO B 161 -1.09 -35.06 1.07
C PRO B 161 -0.63 -33.95 0.13
N THR B 162 -0.74 -34.25 -1.16
CA THR B 162 -0.48 -33.26 -2.18
C THR B 162 -1.73 -32.40 -2.38
N PRO B 163 -1.68 -31.10 -2.06
CA PRO B 163 -2.90 -30.26 -2.13
C PRO B 163 -3.42 -29.98 -3.54
N GLU B 164 -4.38 -29.05 -3.68
CA GLU B 164 -4.94 -28.70 -5.00
C GLU B 164 -5.44 -27.27 -5.10
N GLU B 166 -2.87 -25.38 -4.74
CA GLU B 166 -1.86 -24.46 -4.23
C GLU B 166 -2.39 -23.58 -3.10
N MET B 167 -1.73 -23.66 -1.94
CA MET B 167 -2.14 -22.96 -0.72
C MET B 167 -1.46 -21.62 -0.51
N VAL B 168 -0.35 -21.35 -1.18
CA VAL B 168 0.47 -20.19 -0.85
C VAL B 168 1.20 -19.76 -2.11
N ALA B 169 1.57 -18.47 -2.15
CA ALA B 169 2.35 -17.93 -3.26
C ALA B 169 3.56 -17.18 -2.72
N TYR B 170 4.61 -17.10 -3.55
CA TYR B 170 5.84 -16.42 -3.15
C TYR B 170 6.32 -15.45 -4.22
N ARG B 171 6.90 -14.34 -3.78
CA ARG B 171 7.56 -13.45 -4.74
C ARG B 171 9.05 -13.74 -4.82
N SER B 172 9.62 -14.43 -3.85
CA SER B 172 11.01 -14.83 -3.90
C SER B 172 11.18 -16.13 -3.12
N PHE B 173 12.22 -16.89 -3.46
CA PHE B 173 12.56 -18.05 -2.67
C PHE B 173 13.61 -17.76 -1.61
N ASN B 174 14.18 -16.57 -1.62
CA ASN B 174 15.30 -16.26 -0.73
C ASN B 174 15.08 -16.66 0.71
N PRO B 175 13.98 -16.29 1.37
CA PRO B 175 13.84 -16.65 2.80
C PRO B 175 13.94 -18.16 3.07
N PHE B 176 13.79 -19.01 2.06
CA PHE B 176 13.95 -20.44 2.26
C PHE B 176 15.41 -20.83 2.42
N PHE B 177 16.30 -20.20 1.66
CA PHE B 177 17.66 -20.70 1.49
C PHE B 177 18.39 -20.94 2.79
N PRO B 178 18.35 -20.03 3.78
CA PRO B 178 18.95 -20.36 5.09
C PRO B 178 18.48 -21.67 5.67
N LEU B 179 17.20 -22.03 5.47
CA LEU B 179 16.70 -23.30 5.96
C LEU B 179 17.32 -24.49 5.24
N LEU B 180 17.58 -24.38 3.94
CA LEU B 180 18.18 -25.50 3.19
C LEU B 180 19.56 -25.89 3.70
N GLY B 181 20.21 -25.05 4.51
CA GLY B 181 21.49 -25.36 5.08
C GLY B 181 21.44 -25.99 6.46
N CYS B 182 20.26 -26.06 7.08
CA CYS B 182 20.14 -26.44 8.49
C CYS B 182 20.24 -27.96 8.66
N PHE B 183 21.46 -28.49 8.43
CA PHE B 183 21.62 -29.94 8.41
C PHE B 183 21.36 -30.57 9.79
N THR B 184 21.82 -29.91 10.86
CA THR B 184 21.58 -30.46 12.19
C THR B 184 20.09 -30.48 12.55
N THR B 185 19.25 -29.79 11.80
CA THR B 185 17.82 -29.63 12.11
C THR B 185 17.00 -30.02 10.88
N PRO B 186 16.90 -31.32 10.58
CA PRO B 186 16.36 -31.75 9.26
C PRO B 186 14.88 -31.49 9.06
N GLY B 187 14.11 -31.32 10.14
CA GLY B 187 12.72 -30.89 9.96
C GLY B 187 12.65 -29.59 9.19
N VAL B 188 13.43 -28.60 9.63
CA VAL B 188 13.59 -27.34 8.92
C VAL B 188 13.87 -27.57 7.44
N GLN B 189 14.91 -28.36 7.14
CA GLN B 189 15.23 -28.64 5.75
C GLN B 189 14.06 -29.31 5.04
N LEU B 190 13.33 -30.15 5.74
CA LEU B 190 12.31 -30.93 5.07
C LEU B 190 11.16 -30.03 4.68
N TRP B 191 10.80 -29.10 5.56
CA TRP B 191 9.77 -28.12 5.23
C TRP B 191 10.13 -27.28 4.02
N ALA B 192 11.38 -26.83 3.93
CA ALA B 192 11.78 -25.99 2.80
C ALA B 192 11.61 -26.74 1.49
N VAL B 193 12.22 -27.92 1.36
CA VAL B 193 12.20 -28.61 0.08
C VAL B 193 10.78 -29.09 -0.25
N TRP B 194 10.03 -29.52 0.75
CA TRP B 194 8.63 -29.83 0.49
C TRP B 194 7.92 -28.62 -0.08
N ALA B 195 7.95 -27.50 0.63
CA ALA B 195 7.37 -26.25 0.14
C ALA B 195 7.86 -25.91 -1.26
N MET B 196 9.19 -25.87 -1.44
CA MET B 196 9.76 -25.62 -2.76
C MET B 196 9.17 -26.55 -3.81
N GLN B 197 9.07 -27.84 -3.50
CA GLN B 197 8.57 -28.81 -4.46
C GLN B 197 7.11 -28.57 -4.79
N HIS B 198 6.32 -28.19 -3.79
CA HIS B 198 4.89 -28.00 -3.99
C HIS B 198 4.62 -26.93 -5.04
N VAL B 199 5.13 -25.71 -4.82
CA VAL B 199 4.86 -24.59 -5.72
C VAL B 199 5.49 -24.81 -7.09
N CYS B 200 6.64 -25.46 -7.14
CA CYS B 200 7.21 -25.76 -8.44
C CYS B 200 6.40 -26.78 -9.21
N SER B 201 5.71 -27.67 -8.51
CA SER B 201 4.99 -28.73 -9.19
C SER B 201 3.60 -28.31 -9.66
N LYS B 202 3.04 -27.24 -9.09
CA LYS B 202 1.72 -26.75 -9.47
C LYS B 202 1.77 -25.47 -10.31
N ASN B 203 2.93 -24.81 -10.40
CA ASN B 203 3.09 -23.59 -11.20
C ASN B 203 4.55 -23.47 -11.66
N PRO B 204 5.04 -24.44 -12.43
CA PRO B 204 6.49 -24.47 -12.73
C PRO B 204 6.95 -23.26 -13.52
N SER B 205 6.17 -22.87 -14.51
CA SER B 205 6.52 -21.72 -15.39
C SER B 205 7.03 -20.54 -14.56
N ARG B 206 6.44 -20.30 -13.40
CA ARG B 206 6.81 -19.11 -12.59
C ARG B 206 7.85 -19.47 -11.54
N TYR B 207 7.64 -20.56 -10.83
CA TYR B 207 8.52 -20.87 -9.67
C TYR B 207 9.84 -21.53 -10.10
N CYS B 208 9.80 -22.51 -10.99
CA CYS B 208 11.04 -23.25 -11.36
C CYS B 208 12.06 -22.21 -11.82
N SER B 209 11.68 -21.35 -12.75
CA SER B 209 12.56 -20.26 -13.21
C SER B 209 13.06 -19.48 -11.99
N MET B 210 12.16 -18.88 -11.21
CA MET B 210 12.55 -18.05 -10.03
C MET B 210 13.59 -18.76 -9.18
N LEU B 211 13.35 -20.04 -8.86
CA LEU B 211 14.34 -20.82 -8.07
C LEU B 211 15.69 -20.71 -8.73
N ILE B 212 15.77 -21.03 -10.02
CA ILE B 212 17.04 -20.93 -10.79
C ILE B 212 17.58 -19.50 -10.74
N GLU B 213 16.76 -18.48 -11.06
CA GLU B 213 17.34 -17.15 -11.13
C GLU B 213 17.95 -16.74 -9.80
N GLU B 214 17.33 -17.14 -8.70
CA GLU B 214 17.80 -16.73 -7.38
C GLU B 214 18.90 -17.63 -6.85
N GLY B 215 19.42 -18.52 -7.68
CA GLY B 215 20.51 -19.41 -7.29
C GLY B 215 20.08 -20.58 -6.42
N GLY B 216 18.87 -21.09 -6.65
CA GLY B 216 18.40 -22.21 -5.84
C GLY B 216 19.16 -23.50 -6.09
N LEU B 217 19.49 -23.79 -7.36
CA LEU B 217 20.14 -25.05 -7.65
C LEU B 217 21.39 -25.26 -6.79
N GLN B 218 22.19 -24.22 -6.57
CA GLN B 218 23.37 -24.41 -5.74
C GLN B 218 23.01 -25.05 -4.41
N HIS B 219 22.05 -24.45 -3.70
CA HIS B 219 21.65 -24.96 -2.39
C HIS B 219 21.13 -26.38 -2.50
N LEU B 220 20.39 -26.68 -3.57
CA LEU B 220 19.86 -28.02 -3.74
C LEU B 220 20.97 -29.03 -4.00
N TYR B 221 21.87 -28.70 -4.94
CA TYR B 221 23.00 -29.58 -5.25
C TYR B 221 23.93 -29.70 -4.04
N ASN B 222 23.96 -28.68 -3.18
CA ASN B 222 24.75 -28.77 -1.96
C ASN B 222 24.18 -29.83 -1.02
N ILE B 223 22.84 -29.91 -0.91
CA ILE B 223 22.23 -31.01 -0.17
C ILE B 223 22.48 -32.33 -0.88
N LYS B 224 22.58 -32.30 -2.21
CA LYS B 224 22.74 -33.54 -2.96
C LYS B 224 24.03 -34.25 -2.58
N ASP B 225 25.15 -33.52 -2.61
CA ASP B 225 26.44 -34.11 -2.33
C ASP B 225 26.91 -33.93 -0.89
N HIS B 226 26.06 -33.40 -0.02
CA HIS B 226 26.33 -33.54 1.40
C HIS B 226 26.09 -34.99 1.80
N GLU B 227 27.17 -35.67 2.21
CA GLU B 227 27.16 -37.12 2.29
C GLU B 227 26.16 -37.65 3.32
N HIS B 228 25.88 -36.88 4.37
CA HIS B 228 25.16 -37.40 5.53
C HIS B 228 23.94 -36.53 5.80
N THR B 229 23.00 -36.57 4.87
CA THR B 229 21.76 -35.81 4.91
C THR B 229 20.59 -36.72 5.21
N ASP B 230 19.57 -36.17 5.88
CA ASP B 230 18.37 -36.93 6.16
C ASP B 230 17.82 -37.50 4.86
N PRO B 231 17.56 -38.81 4.82
CA PRO B 231 17.12 -39.41 3.53
C PRO B 231 15.81 -38.83 3.01
N HIS B 232 14.86 -38.47 3.88
CA HIS B 232 13.63 -37.84 3.41
C HIS B 232 13.89 -36.48 2.79
N VAL B 233 14.78 -35.70 3.40
CA VAL B 233 15.17 -34.42 2.85
C VAL B 233 15.90 -34.63 1.53
N GLN B 234 16.89 -35.51 1.52
CA GLN B 234 17.68 -35.76 0.31
C GLN B 234 16.79 -36.20 -0.85
N GLN B 235 15.76 -37.00 -0.57
CA GLN B 235 14.91 -37.52 -1.63
C GLN B 235 14.12 -36.39 -2.29
N ILE B 236 13.37 -35.61 -1.50
CA ILE B 236 12.62 -34.48 -2.04
C ILE B 236 13.55 -33.57 -2.82
N ALA B 237 14.75 -33.34 -2.30
CA ALA B 237 15.71 -32.47 -2.98
C ALA B 237 16.10 -33.02 -4.35
N VAL B 238 16.38 -34.32 -4.45
CA VAL B 238 16.75 -34.80 -5.78
C VAL B 238 15.51 -34.82 -6.67
N ALA B 239 14.34 -35.12 -6.08
CA ALA B 239 13.09 -34.98 -6.82
C ALA B 239 12.99 -33.59 -7.43
N ILE B 240 13.27 -32.56 -6.64
CA ILE B 240 13.24 -31.21 -7.17
C ILE B 240 14.27 -31.05 -8.27
N LEU B 241 15.52 -31.39 -7.97
CA LEU B 241 16.59 -31.19 -8.94
C LEU B 241 16.28 -31.85 -10.27
N ASP B 242 15.98 -33.17 -10.26
CA ASP B 242 15.69 -33.86 -11.51
C ASP B 242 14.51 -33.28 -12.27
N SER B 243 13.66 -32.50 -11.60
CA SER B 243 12.59 -31.75 -12.24
C SER B 243 13.10 -30.53 -13.01
N LEU B 244 14.41 -30.41 -13.17
CA LEU B 244 15.02 -29.39 -14.03
C LEU B 244 16.19 -30.07 -14.73
N GLU B 245 17.01 -30.79 -13.95
CA GLU B 245 18.09 -31.66 -14.46
C GLU B 245 17.59 -33.01 -14.99
#